data_8IH8
#
_entry.id   8IH8
#
_cell.length_a   50.425
_cell.length_b   77.928
_cell.length_c   133.530
_cell.angle_alpha   90.00
_cell.angle_beta   90.00
_cell.angle_gamma   90.00
#
_symmetry.space_group_name_H-M   'P 21 21 21'
#
loop_
_entity.id
_entity.type
_entity.pdbx_description
1 polymer 'Anti-sigma-F factor antagonist RsfB'
2 polymer 'Anti-sigma-F factor RsbW'
3 non-polymer GLYCEROL
4 water water
#
loop_
_entity_poly.entity_id
_entity_poly.type
_entity_poly.pdbx_seq_one_letter_code
_entity_poly.pdbx_strand_id
1 'polypeptide(L)'
;GSMSAPDSITVTVADHNGVAVLSIGGEIDLITAAALEEAIGEVVADNPTALVIDLSAVEFLGSVGLKILAATSEKIGQSV
KFGVVARGSVTRRPIHLMGLDKTFRLFSTLHDALTGVRGGRIDR
;
A,B
2 'polypeptide(L)'
;MADSDLPTKGRQRGVRAVELNVAARLENLALLRTLVGAIGTFEDLDFDAVADLRLAVDEVCTRLIRSALPDATLRLVVDP
RKDEVVVEASAACDTHDVVAPGSFSWHVLTALADDVQTFHDGRQPDVAGSVFGITLTARRAASSR
;
C,D
#
# COMPACT_ATOMS: atom_id res chain seq x y z
N ALA A 5 20.69 -7.47 14.32
CA ALA A 5 20.20 -6.75 13.14
C ALA A 5 18.75 -6.29 13.33
N PRO A 6 18.37 -5.20 12.66
CA PRO A 6 16.96 -4.77 12.72
C PRO A 6 16.06 -5.87 12.16
N ASP A 7 14.77 -5.82 12.49
CA ASP A 7 13.87 -6.89 12.07
C ASP A 7 13.59 -6.85 10.56
N SER A 8 13.78 -5.69 9.96
CA SER A 8 13.45 -5.44 8.56
C SER A 8 14.50 -5.99 7.60
N ILE A 9 15.61 -6.53 8.10
CA ILE A 9 16.55 -7.22 7.24
C ILE A 9 16.86 -8.58 7.84
N THR A 10 17.09 -9.55 6.97
CA THR A 10 17.56 -10.86 7.39
C THR A 10 18.88 -11.17 6.69
N VAL A 11 19.82 -11.76 7.43
CA VAL A 11 21.16 -12.08 6.91
C VAL A 11 21.48 -13.49 7.36
N THR A 12 21.72 -14.39 6.42
CA THR A 12 22.16 -15.74 6.77
C THR A 12 23.47 -16.04 6.05
N VAL A 13 24.28 -16.90 6.67
CA VAL A 13 25.60 -17.25 6.17
C VAL A 13 25.62 -18.76 5.97
N ALA A 14 26.12 -19.19 4.81
CA ALA A 14 26.18 -20.61 4.45
C ALA A 14 27.47 -20.85 3.66
N ASP A 15 27.78 -22.12 3.44
CA ASP A 15 28.95 -22.53 2.67
C ASP A 15 28.54 -23.47 1.54
N HIS A 16 29.10 -23.28 0.36
CA HIS A 16 28.94 -24.25 -0.73
C HIS A 16 30.35 -24.65 -1.14
N ASN A 17 30.84 -25.76 -0.59
CA ASN A 17 32.17 -26.30 -0.89
C ASN A 17 33.23 -25.21 -0.89
N GLY A 18 33.22 -24.40 0.18
CA GLY A 18 34.22 -23.36 0.36
C GLY A 18 33.84 -21.99 -0.14
N VAL A 19 32.77 -21.88 -0.93
CA VAL A 19 32.23 -20.59 -1.34
C VAL A 19 31.31 -20.09 -0.24
N ALA A 20 31.61 -18.92 0.31
CA ALA A 20 30.73 -18.33 1.30
C ALA A 20 29.51 -17.72 0.60
N VAL A 21 28.32 -18.01 1.13
CA VAL A 21 27.07 -17.50 0.57
C VAL A 21 26.41 -16.67 1.65
N LEU A 22 26.30 -15.38 1.41
CA LEU A 22 25.65 -14.46 2.31
C LEU A 22 24.28 -14.11 1.71
N SER A 23 23.20 -14.55 2.36
CA SER A 23 21.86 -14.35 1.82
C SER A 23 21.18 -13.23 2.58
N ILE A 24 20.63 -12.29 1.83
CA ILE A 24 19.96 -11.12 2.39
C ILE A 24 18.49 -11.16 2.02
N GLY A 25 17.64 -10.85 3.00
CA GLY A 25 16.22 -10.68 2.74
C GLY A 25 15.73 -9.40 3.41
N GLY A 26 14.50 -9.02 3.05
CA GLY A 26 13.92 -7.82 3.65
C GLY A 26 14.39 -6.57 2.91
N GLU A 27 14.63 -5.47 3.63
CA GLU A 27 14.93 -4.21 2.95
C GLU A 27 16.33 -3.71 3.33
N ILE A 28 17.05 -3.21 2.33
CA ILE A 28 18.39 -2.67 2.51
C ILE A 28 18.26 -1.16 2.39
N ASP A 29 18.36 -0.47 3.53
CA ASP A 29 18.19 0.97 3.54
C ASP A 29 19.11 1.54 4.62
N LEU A 30 18.93 2.82 4.93
CA LEU A 30 19.81 3.47 5.90
C LEU A 30 19.65 2.87 7.30
N ILE A 31 18.48 2.27 7.58
CA ILE A 31 18.22 1.67 8.87
C ILE A 31 18.96 0.35 9.00
N THR A 32 18.99 -0.45 7.94
CA THR A 32 19.59 -1.77 8.00
C THR A 32 21.00 -1.81 7.41
N ALA A 33 21.51 -0.69 6.91
CA ALA A 33 22.77 -0.70 6.18
C ALA A 33 23.92 -1.17 7.06
N ALA A 34 23.98 -0.70 8.31
CA ALA A 34 25.06 -1.10 9.20
C ALA A 34 25.09 -2.60 9.37
N ALA A 35 23.93 -3.23 9.58
CA ALA A 35 23.89 -4.67 9.74
C ALA A 35 24.43 -5.38 8.50
N LEU A 36 24.08 -4.88 7.32
CA LEU A 36 24.59 -5.49 6.10
C LEU A 36 26.12 -5.35 6.00
N GLU A 37 26.63 -4.15 6.25
CA GLU A 37 28.08 -3.94 6.23
C GLU A 37 28.78 -4.84 7.24
N GLU A 38 28.23 -4.94 8.46
CA GLU A 38 28.85 -5.78 9.48
C GLU A 38 28.88 -7.24 9.05
N ALA A 39 27.81 -7.71 8.43
CA ALA A 39 27.74 -9.11 7.99
C ALA A 39 28.76 -9.37 6.89
N ILE A 40 28.83 -8.50 5.88
CA ILE A 40 29.87 -8.62 4.87
C ILE A 40 31.25 -8.59 5.53
N GLY A 41 31.48 -7.62 6.42
CA GLY A 41 32.78 -7.54 7.06
C GLY A 41 33.17 -8.83 7.74
N GLU A 42 32.23 -9.43 8.48
CA GLU A 42 32.50 -10.67 9.18
C GLU A 42 32.88 -11.78 8.19
N VAL A 43 32.10 -11.93 7.12
CA VAL A 43 32.40 -12.99 6.16
C VAL A 43 33.81 -12.78 5.60
N VAL A 44 34.11 -11.54 5.19
CA VAL A 44 35.39 -11.22 4.58
C VAL A 44 36.52 -11.43 5.58
N ALA A 45 36.26 -11.23 6.87
CA ALA A 45 37.32 -11.40 7.86
C ALA A 45 37.77 -12.85 7.96
N ASP A 46 36.93 -13.80 7.58
CA ASP A 46 37.27 -15.22 7.63
C ASP A 46 38.00 -15.68 6.38
N ASN A 47 38.38 -14.76 5.49
CA ASN A 47 39.20 -15.06 4.32
C ASN A 47 38.57 -16.13 3.44
N PRO A 48 37.36 -15.94 2.93
CA PRO A 48 36.85 -16.89 1.95
C PRO A 48 37.64 -16.77 0.66
N THR A 49 37.73 -17.87 -0.07
CA THR A 49 38.28 -17.79 -1.41
C THR A 49 37.26 -17.26 -2.40
N ALA A 50 35.97 -17.36 -2.07
CA ALA A 50 34.92 -16.85 -2.94
C ALA A 50 33.75 -16.45 -2.08
N LEU A 51 33.02 -15.43 -2.52
CA LEU A 51 31.88 -14.92 -1.78
C LEU A 51 30.76 -14.59 -2.76
N VAL A 52 29.58 -15.14 -2.52
CA VAL A 52 28.37 -14.81 -3.29
C VAL A 52 27.40 -14.14 -2.33
N ILE A 53 26.96 -12.94 -2.68
CA ILE A 53 25.90 -12.26 -1.93
C ILE A 53 24.61 -12.49 -2.70
N ASP A 54 23.67 -13.21 -2.09
CA ASP A 54 22.43 -13.61 -2.72
C ASP A 54 21.35 -12.60 -2.33
N LEU A 55 20.88 -11.82 -3.30
CA LEU A 55 19.82 -10.83 -3.07
C LEU A 55 18.45 -11.33 -3.54
N SER A 56 18.30 -12.63 -3.73
CA SER A 56 17.05 -13.22 -4.20
C SER A 56 15.86 -12.77 -3.37
N ALA A 57 16.05 -12.63 -2.05
CA ALA A 57 14.92 -12.37 -1.15
C ALA A 57 14.79 -10.89 -0.80
N VAL A 58 15.52 -10.01 -1.47
CA VAL A 58 15.53 -8.60 -1.10
C VAL A 58 14.29 -7.93 -1.67
N GLU A 59 13.53 -7.27 -0.79
CA GLU A 59 12.27 -6.60 -1.14
C GLU A 59 12.47 -5.12 -1.47
N PHE A 60 13.60 -4.55 -1.04
CA PHE A 60 13.94 -3.18 -1.41
C PHE A 60 15.43 -3.01 -1.31
N LEU A 61 16.04 -2.49 -2.37
CA LEU A 61 17.47 -2.22 -2.44
C LEU A 61 17.65 -0.71 -2.60
N GLY A 62 17.89 -0.02 -1.50
CA GLY A 62 18.09 1.43 -1.56
C GLY A 62 19.45 1.79 -2.14
N SER A 63 19.63 3.08 -2.45
CA SER A 63 20.92 3.49 -3.02
C SER A 63 22.09 3.17 -2.09
N VAL A 64 21.88 3.26 -0.77
CA VAL A 64 22.97 2.92 0.13
C VAL A 64 23.42 1.47 -0.11
N GLY A 65 22.48 0.61 -0.50
CA GLY A 65 22.84 -0.78 -0.76
C GLY A 65 23.67 -0.92 -2.03
N LEU A 66 23.36 -0.12 -3.04
CA LEU A 66 24.19 -0.09 -4.24
C LEU A 66 25.60 0.31 -3.87
N LYS A 67 25.75 1.35 -3.06
CA LYS A 67 27.07 1.78 -2.61
C LYS A 67 27.79 0.65 -1.88
N ILE A 68 27.08 -0.08 -1.04
CA ILE A 68 27.75 -1.12 -0.26
C ILE A 68 28.27 -2.22 -1.18
N LEU A 69 27.47 -2.61 -2.19
CA LEU A 69 27.87 -3.68 -3.09
C LEU A 69 29.06 -3.27 -3.94
N ALA A 70 29.03 -2.05 -4.48
CA ALA A 70 30.15 -1.54 -5.25
C ALA A 70 31.40 -1.44 -4.40
N ALA A 71 31.25 -0.94 -3.17
CA ALA A 71 32.44 -0.80 -2.33
C ALA A 71 33.03 -2.17 -2.01
N THR A 72 32.18 -3.15 -1.71
CA THR A 72 32.63 -4.52 -1.44
C THR A 72 33.42 -5.08 -2.60
N SER A 73 32.89 -4.93 -3.81
CA SER A 73 33.61 -5.41 -4.99
C SER A 73 34.97 -4.76 -5.11
N GLU A 74 35.03 -3.43 -4.99
CA GLU A 74 36.32 -2.74 -5.05
C GLU A 74 37.25 -3.22 -3.94
N LYS A 75 36.72 -3.40 -2.74
N LYS A 75 36.71 -3.36 -2.73
CA LYS A 75 37.58 -3.70 -1.61
CA LYS A 75 37.55 -3.71 -1.59
C LYS A 75 38.15 -5.12 -1.69
C LYS A 75 38.17 -5.10 -1.76
N ILE A 76 37.36 -6.10 -2.09
CA ILE A 76 37.81 -7.51 -2.05
C ILE A 76 38.03 -8.13 -3.42
N GLY A 77 37.60 -7.49 -4.51
CA GLY A 77 37.53 -8.19 -5.80
C GLY A 77 38.85 -8.77 -6.26
N GLN A 78 39.97 -8.11 -5.93
CA GLN A 78 41.27 -8.60 -6.34
C GLN A 78 41.62 -9.91 -5.63
N SER A 79 41.19 -10.07 -4.39
CA SER A 79 41.63 -11.20 -3.59
C SER A 79 40.57 -12.29 -3.41
N VAL A 80 39.30 -11.99 -3.65
CA VAL A 80 38.21 -12.95 -3.45
C VAL A 80 37.36 -12.98 -4.70
N LYS A 81 37.06 -14.20 -5.17
CA LYS A 81 36.11 -14.33 -6.27
C LYS A 81 34.76 -13.90 -5.78
N PHE A 82 34.20 -12.86 -6.39
CA PHE A 82 33.00 -12.22 -5.87
C PHE A 82 31.86 -12.28 -6.88
N GLY A 83 30.63 -12.49 -6.39
CA GLY A 83 29.47 -12.50 -7.25
C GLY A 83 28.21 -12.12 -6.48
N VAL A 84 27.22 -11.65 -7.24
CA VAL A 84 25.95 -11.22 -6.66
C VAL A 84 24.80 -11.87 -7.42
N VAL A 85 23.85 -12.48 -6.69
CA VAL A 85 22.64 -13.02 -7.29
C VAL A 85 21.60 -11.91 -7.24
N ALA A 86 21.06 -11.55 -8.39
CA ALA A 86 20.03 -10.52 -8.45
C ALA A 86 19.24 -10.75 -9.71
N ARG A 87 17.92 -10.65 -9.60
CA ARG A 87 17.02 -10.79 -10.73
C ARG A 87 15.84 -9.88 -10.47
N GLY A 88 15.18 -9.44 -11.53
CA GLY A 88 13.89 -8.76 -11.38
C GLY A 88 14.03 -7.26 -11.17
N SER A 89 12.95 -6.67 -10.67
CA SER A 89 12.77 -5.22 -10.72
C SER A 89 13.42 -4.52 -9.53
N VAL A 90 13.58 -5.21 -8.40
CA VAL A 90 14.04 -4.56 -7.18
C VAL A 90 15.55 -4.44 -7.13
N THR A 91 16.26 -5.50 -7.53
CA THR A 91 17.69 -5.63 -7.32
C THR A 91 18.46 -5.54 -8.63
N ARG A 92 18.20 -6.47 -9.55
CA ARG A 92 18.95 -6.47 -10.80
C ARG A 92 18.74 -5.16 -11.54
N ARG A 93 17.50 -4.67 -11.57
CA ARG A 93 17.20 -3.53 -12.42
C ARG A 93 18.00 -2.28 -12.03
N PRO A 94 17.96 -1.81 -10.78
CA PRO A 94 18.72 -0.60 -10.44
C PRO A 94 20.22 -0.80 -10.53
N ILE A 95 20.72 -2.02 -10.30
CA ILE A 95 22.15 -2.26 -10.49
C ILE A 95 22.55 -2.00 -11.94
N HIS A 96 21.72 -2.46 -12.88
CA HIS A 96 21.98 -2.18 -14.30
C HIS A 96 21.73 -0.71 -14.61
N LEU A 97 20.66 -0.13 -14.06
CA LEU A 97 20.36 1.27 -14.38
C LEU A 97 21.53 2.18 -14.01
N MET A 98 22.21 1.89 -12.91
CA MET A 98 23.38 2.62 -12.45
C MET A 98 24.68 2.17 -13.10
N GLY A 99 24.65 1.16 -13.98
CA GLY A 99 25.86 0.69 -14.62
C GLY A 99 26.74 -0.19 -13.75
N LEU A 100 26.25 -0.59 -12.58
CA LEU A 100 27.04 -1.36 -11.64
C LEU A 100 27.13 -2.84 -11.99
N ASP A 101 26.30 -3.31 -12.93
CA ASP A 101 26.49 -4.66 -13.47
C ASP A 101 27.86 -4.85 -14.09
N LYS A 102 28.51 -3.77 -14.53
CA LYS A 102 29.88 -3.90 -14.99
C LYS A 102 30.88 -3.98 -13.85
N THR A 103 30.51 -3.53 -12.67
CA THR A 103 31.51 -3.45 -11.61
C THR A 103 31.64 -4.72 -10.79
N PHE A 104 30.61 -5.57 -10.75
CA PHE A 104 30.72 -6.89 -10.14
C PHE A 104 29.92 -7.88 -10.98
N ARG A 105 30.25 -9.17 -10.86
CA ARG A 105 29.53 -10.13 -11.68
C ARG A 105 28.18 -10.43 -11.07
N LEU A 106 27.14 -10.25 -11.87
CA LEU A 106 25.77 -10.60 -11.50
C LEU A 106 25.37 -11.94 -12.08
N PHE A 107 24.57 -12.64 -11.30
CA PHE A 107 23.99 -13.90 -11.70
C PHE A 107 22.50 -13.86 -11.41
N SER A 108 21.72 -14.50 -12.28
CA SER A 108 20.28 -14.51 -12.11
C SER A 108 19.84 -15.44 -10.99
N THR A 109 20.59 -16.52 -10.76
CA THR A 109 20.25 -17.50 -9.72
C THR A 109 21.49 -17.86 -8.92
N LEU A 110 21.25 -18.39 -7.72
CA LEU A 110 22.36 -18.92 -6.93
C LEU A 110 23.07 -20.05 -7.67
N HIS A 111 22.32 -20.91 -8.34
CA HIS A 111 22.95 -22.01 -9.07
C HIS A 111 23.97 -21.47 -10.07
N ASP A 112 23.61 -20.43 -10.83
CA ASP A 112 24.56 -19.84 -11.76
C ASP A 112 25.75 -19.24 -11.02
N ALA A 113 25.51 -18.53 -9.92
CA ALA A 113 26.60 -17.91 -9.19
C ALA A 113 27.55 -18.94 -8.62
N LEU A 114 27.01 -20.03 -8.08
CA LEU A 114 27.85 -21.09 -7.51
C LEU A 114 28.64 -21.80 -8.59
N THR A 115 27.98 -22.14 -9.69
CA THR A 115 28.71 -22.79 -10.77
C THR A 115 29.59 -21.81 -11.54
N GLY A 116 29.41 -20.50 -11.31
CA GLY A 116 30.13 -19.51 -12.09
C GLY A 116 31.12 -18.65 -11.33
N VAL A 117 31.04 -18.61 -10.01
CA VAL A 117 31.92 -17.68 -9.29
C VAL A 117 33.34 -18.22 -9.21
N ARG A 118 33.52 -19.54 -9.35
CA ARG A 118 34.84 -20.16 -9.30
C ARG A 118 35.56 -20.05 -10.64
N GLY A 119 35.03 -20.74 -11.65
CA GLY A 119 35.63 -20.76 -12.97
C GLY A 119 35.12 -19.65 -13.86
N GLN B 12 -2.34 22.21 -9.98
CA GLN B 12 -2.23 21.45 -11.22
C GLN B 12 -2.76 20.02 -11.09
N ARG B 13 -3.03 19.60 -9.86
CA ARG B 13 -2.93 18.18 -9.55
C ARG B 13 -4.08 17.38 -10.16
N GLY B 14 -3.77 16.17 -10.59
CA GLY B 14 -4.80 15.30 -11.11
C GLY B 14 -5.70 14.77 -10.00
N VAL B 15 -6.80 14.17 -10.43
CA VAL B 15 -7.79 13.70 -9.46
C VAL B 15 -7.24 12.57 -8.60
N ARG B 16 -6.25 11.83 -9.09
CA ARG B 16 -5.69 10.70 -8.34
C ARG B 16 -4.45 11.06 -7.54
N ALA B 17 -4.11 12.33 -7.43
CA ALA B 17 -2.94 12.73 -6.68
C ALA B 17 -3.12 12.42 -5.19
N VAL B 18 -2.04 11.96 -4.57
CA VAL B 18 -2.04 11.62 -3.15
C VAL B 18 -0.97 12.46 -2.47
N GLU B 19 -1.37 13.21 -1.45
CA GLU B 19 -0.42 13.96 -0.63
C GLU B 19 -0.17 13.20 0.68
N LEU B 20 1.10 12.90 0.94
CA LEU B 20 1.52 12.20 2.15
C LEU B 20 2.37 13.15 2.98
N ASN B 21 1.99 13.34 4.24
CA ASN B 21 2.72 14.19 5.16
C ASN B 21 3.12 13.35 6.37
N VAL B 22 4.44 13.26 6.63
CA VAL B 22 4.96 12.57 7.79
C VAL B 22 6.08 13.43 8.39
N ALA B 23 6.36 13.20 9.67
CA ALA B 23 7.55 13.82 10.27
C ALA B 23 8.79 13.41 9.48
N ALA B 24 9.65 14.40 9.23
CA ALA B 24 10.83 14.18 8.38
C ALA B 24 11.90 13.46 9.18
N ARG B 25 11.70 12.14 9.35
CA ARG B 25 12.57 11.32 10.18
C ARG B 25 12.88 10.02 9.44
N LEU B 26 14.12 9.51 9.57
CA LEU B 26 14.49 8.32 8.81
C LEU B 26 13.57 7.16 9.13
N GLU B 27 13.03 7.11 10.35
CA GLU B 27 12.18 6.00 10.76
C GLU B 27 10.88 5.94 9.97
N ASN B 28 10.54 6.97 9.20
CA ASN B 28 9.30 6.96 8.44
C ASN B 28 9.50 6.54 6.99
N LEU B 29 10.74 6.27 6.57
CA LEU B 29 11.02 5.95 5.18
C LEU B 29 10.40 4.62 4.77
N ALA B 30 10.46 3.62 5.65
CA ALA B 30 9.90 2.31 5.30
C ALA B 30 8.39 2.41 5.04
N LEU B 31 7.68 3.18 5.86
CA LEU B 31 6.24 3.37 5.62
C LEU B 31 6.00 4.03 4.27
N LEU B 32 6.72 5.13 3.99
CA LEU B 32 6.54 5.87 2.75
C LEU B 32 6.76 4.98 1.53
N ARG B 33 7.83 4.17 1.55
CA ARG B 33 8.07 3.23 0.46
C ARG B 33 6.91 2.26 0.28
N THR B 34 6.31 1.80 1.38
CA THR B 34 5.19 0.87 1.27
C THR B 34 3.97 1.55 0.66
N LEU B 35 3.73 2.81 1.03
CA LEU B 35 2.57 3.52 0.50
C LEU B 35 2.80 3.87 -0.96
N VAL B 36 4.01 4.30 -1.31
CA VAL B 36 4.31 4.65 -2.69
C VAL B 36 4.17 3.42 -3.58
N GLY B 37 4.63 2.27 -3.11
CA GLY B 37 4.45 1.05 -3.88
C GLY B 37 3.00 0.68 -4.04
N ALA B 38 2.20 0.83 -2.97
CA ALA B 38 0.77 0.56 -3.10
C ALA B 38 0.12 1.47 -4.13
N ILE B 39 0.53 2.74 -4.19
CA ILE B 39 -0.03 3.66 -5.19
C ILE B 39 0.33 3.18 -6.60
N GLY B 40 1.61 2.88 -6.82
CA GLY B 40 2.02 2.46 -8.15
C GLY B 40 1.31 1.18 -8.59
N THR B 41 1.22 0.20 -7.69
CA THR B 41 0.51 -1.04 -8.02
C THR B 41 -0.96 -0.76 -8.32
N PHE B 42 -1.61 0.06 -7.49
CA PHE B 42 -3.01 0.39 -7.73
C PHE B 42 -3.19 1.08 -9.09
N GLU B 43 -2.25 1.92 -9.47
CA GLU B 43 -2.27 2.60 -10.75
C GLU B 43 -1.82 1.71 -11.89
N ASP B 44 -1.66 0.41 -11.65
CA ASP B 44 -1.29 -0.54 -12.71
C ASP B 44 0.07 -0.24 -13.34
N LEU B 45 1.00 0.35 -12.60
CA LEU B 45 2.34 0.42 -13.15
C LEU B 45 2.91 -1.01 -13.18
N ASP B 46 3.80 -1.31 -14.13
CA ASP B 46 4.34 -2.67 -14.15
C ASP B 46 5.42 -2.83 -13.07
N PHE B 47 5.95 -4.05 -12.92
CA PHE B 47 6.85 -4.30 -11.79
C PHE B 47 8.06 -3.38 -11.84
N ASP B 48 8.64 -3.18 -13.03
CA ASP B 48 9.82 -2.32 -13.17
C ASP B 48 9.46 -0.90 -12.76
N ALA B 49 8.28 -0.42 -13.16
CA ALA B 49 7.90 0.95 -12.86
C ALA B 49 7.58 1.14 -11.37
N VAL B 50 6.99 0.13 -10.73
CA VAL B 50 6.74 0.25 -9.30
C VAL B 50 8.06 0.30 -8.54
N ALA B 51 9.02 -0.55 -8.94
CA ALA B 51 10.30 -0.56 -8.26
C ALA B 51 11.03 0.76 -8.46
N ASP B 52 10.97 1.31 -9.69
CA ASP B 52 11.62 2.59 -9.97
C ASP B 52 11.03 3.69 -9.14
N LEU B 53 9.70 3.74 -9.07
CA LEU B 53 9.01 4.76 -8.29
C LEU B 53 9.41 4.68 -6.82
N ARG B 54 9.38 3.47 -6.25
CA ARG B 54 9.77 3.31 -4.85
C ARG B 54 11.20 3.79 -4.61
N LEU B 55 12.12 3.41 -5.49
CA LEU B 55 13.51 3.79 -5.28
C LEU B 55 13.69 5.30 -5.44
N ALA B 56 13.09 5.86 -6.49
CA ALA B 56 13.19 7.29 -6.73
C ALA B 56 12.65 8.06 -5.54
N VAL B 57 11.48 7.66 -5.04
CA VAL B 57 10.89 8.40 -3.96
C VAL B 57 11.70 8.18 -2.67
N ASP B 58 12.18 6.96 -2.45
CA ASP B 58 13.02 6.70 -1.30
C ASP B 58 14.26 7.60 -1.33
N GLU B 59 14.85 7.77 -2.50
CA GLU B 59 16.04 8.61 -2.60
C GLU B 59 15.70 10.07 -2.29
N VAL B 60 14.64 10.61 -2.89
CA VAL B 60 14.37 12.02 -2.63
C VAL B 60 14.02 12.23 -1.15
N CYS B 61 13.28 11.28 -0.57
CA CYS B 61 12.87 11.47 0.82
C CYS B 61 14.05 11.34 1.75
N THR B 62 14.96 10.42 1.44
CA THR B 62 16.18 10.27 2.23
C THR B 62 17.00 11.57 2.22
N ARG B 63 17.18 12.15 1.03
CA ARG B 63 17.97 13.38 0.95
C ARG B 63 17.32 14.51 1.74
N LEU B 64 16.00 14.67 1.64
CA LEU B 64 15.33 15.73 2.39
C LEU B 64 15.45 15.50 3.90
N ILE B 65 15.27 14.25 4.36
CA ILE B 65 15.30 13.98 5.78
C ILE B 65 16.66 14.30 6.37
N ARG B 66 17.74 14.00 5.63
CA ARG B 66 19.06 14.16 6.22
C ARG B 66 19.40 15.64 6.35
N SER B 67 18.67 16.52 5.65
CA SER B 67 18.82 17.96 5.85
C SER B 67 17.67 18.60 6.62
N ALA B 68 16.62 17.85 6.94
CA ALA B 68 15.42 18.44 7.53
C ALA B 68 15.67 18.99 8.93
N LEU B 69 14.99 20.10 9.25
CA LEU B 69 14.99 20.62 10.62
C LEU B 69 14.40 19.56 11.56
N PRO B 70 14.74 19.62 12.85
CA PRO B 70 14.36 18.55 13.78
C PRO B 70 12.88 18.17 13.80
N ASP B 71 11.97 19.13 13.81
CA ASP B 71 10.61 18.64 13.62
C ASP B 71 9.94 19.30 12.43
N ALA B 72 10.62 19.25 11.29
CA ALA B 72 10.01 19.53 10.00
C ALA B 72 9.07 18.40 9.59
N THR B 73 8.10 18.76 8.77
CA THR B 73 7.20 17.80 8.12
C THR B 73 7.71 17.54 6.72
N LEU B 74 7.82 16.27 6.35
CA LEU B 74 8.10 15.90 4.97
C LEU B 74 6.78 15.79 4.24
N ARG B 75 6.61 16.56 3.17
CA ARG B 75 5.39 16.55 2.35
C ARG B 75 5.73 15.93 1.00
N LEU B 76 5.06 14.82 0.68
CA LEU B 76 5.30 14.07 -0.54
C LEU B 76 4.02 14.02 -1.35
N VAL B 77 4.11 14.33 -2.64
CA VAL B 77 2.95 14.28 -3.54
C VAL B 77 3.28 13.31 -4.65
N VAL B 78 2.43 12.30 -4.80
CA VAL B 78 2.53 11.35 -5.90
C VAL B 78 1.30 11.57 -6.76
N ASP B 79 1.51 12.01 -8.00
CA ASP B 79 0.41 12.40 -8.86
C ASP B 79 0.44 11.54 -10.11
N PRO B 80 -0.23 10.37 -10.08
CA PRO B 80 -0.27 9.49 -11.26
C PRO B 80 -1.17 10.06 -12.33
N ARG B 81 -0.54 10.36 -13.44
CA ARG B 81 -1.18 10.90 -14.60
C ARG B 81 -1.38 9.85 -15.66
N LYS B 82 -2.31 10.16 -16.56
CA LYS B 82 -2.47 9.61 -17.89
C LYS B 82 -1.23 8.93 -18.50
N ASP B 83 -0.10 9.62 -18.60
CA ASP B 83 1.09 9.03 -19.23
C ASP B 83 2.31 8.98 -18.33
N GLU B 84 2.33 9.76 -17.26
CA GLU B 84 3.47 9.99 -16.40
C GLU B 84 3.00 9.94 -14.96
N VAL B 85 3.94 9.69 -14.05
CA VAL B 85 3.71 9.88 -12.62
C VAL B 85 4.63 11.00 -12.17
N VAL B 86 4.04 12.07 -11.68
CA VAL B 86 4.78 13.23 -11.21
C VAL B 86 4.94 13.14 -9.71
N VAL B 87 6.16 13.34 -9.23
CA VAL B 87 6.45 13.27 -7.80
C VAL B 87 7.05 14.60 -7.38
N GLU B 88 6.59 15.10 -6.24
CA GLU B 88 7.12 16.30 -5.60
C GLU B 88 7.28 16.01 -4.12
N ALA B 89 8.42 16.37 -3.56
CA ALA B 89 8.68 16.20 -2.14
C ALA B 89 9.37 17.45 -1.66
N SER B 90 9.02 17.92 -0.45
CA SER B 90 9.64 19.13 0.09
C SER B 90 9.66 19.06 1.61
N ALA B 91 10.55 19.86 2.20
CA ALA B 91 10.69 19.95 3.65
C ALA B 91 11.54 21.17 3.99
N ALA B 92 11.30 21.73 5.18
CA ALA B 92 12.16 22.78 5.72
C ALA B 92 13.51 22.18 6.08
N CYS B 93 14.58 22.73 5.52
CA CYS B 93 15.91 22.13 5.60
C CYS B 93 16.93 23.14 6.13
N ASP B 94 18.08 22.64 6.56
CA ASP B 94 19.14 23.50 7.12
C ASP B 94 20.19 23.93 6.09
N THR B 95 19.95 23.69 4.81
CA THR B 95 20.90 24.04 3.76
C THR B 95 20.11 24.15 2.46
N HIS B 96 20.67 24.89 1.52
CA HIS B 96 20.20 24.86 0.14
C HIS B 96 20.85 23.73 -0.66
N ASP B 97 21.84 23.04 -0.12
CA ASP B 97 22.59 22.01 -0.88
C ASP B 97 22.06 20.61 -0.60
N VAL B 98 20.76 20.40 -0.70
CA VAL B 98 20.20 19.11 -0.28
C VAL B 98 20.56 18.02 -1.28
N VAL B 99 20.46 18.31 -2.57
CA VAL B 99 20.91 17.39 -3.63
C VAL B 99 21.10 18.18 -4.91
N ALA B 100 22.12 17.80 -5.69
CA ALA B 100 22.47 18.55 -6.89
C ALA B 100 23.30 17.64 -7.79
N PRO B 101 23.44 18.01 -9.07
CA PRO B 101 24.21 17.16 -9.99
C PRO B 101 25.60 16.88 -9.45
N GLY B 102 26.13 15.73 -9.85
CA GLY B 102 27.47 15.33 -9.48
C GLY B 102 27.53 14.36 -8.32
N SER B 103 26.46 14.21 -7.56
CA SER B 103 26.41 13.26 -6.46
C SER B 103 25.86 11.93 -6.94
N PHE B 104 26.20 10.87 -6.20
CA PHE B 104 25.57 9.57 -6.49
C PHE B 104 24.06 9.67 -6.40
N SER B 105 23.56 10.43 -5.42
N SER B 105 23.55 10.45 -5.42
CA SER B 105 22.11 10.62 -5.29
CA SER B 105 22.10 10.61 -5.31
C SER B 105 21.53 11.16 -6.60
C SER B 105 21.52 11.16 -6.59
N TRP B 106 22.11 12.23 -7.14
CA TRP B 106 21.60 12.80 -8.37
C TRP B 106 21.64 11.79 -9.51
N HIS B 107 22.72 11.02 -9.61
CA HIS B 107 22.81 9.98 -10.63
C HIS B 107 21.66 8.98 -10.51
N VAL B 108 21.35 8.56 -9.29
CA VAL B 108 20.22 7.66 -9.08
C VAL B 108 18.93 8.28 -9.61
N LEU B 109 18.65 9.52 -9.20
CA LEU B 109 17.38 10.14 -9.57
C LEU B 109 17.26 10.27 -11.08
N THR B 110 18.36 10.63 -11.75
CA THR B 110 18.21 10.84 -13.19
C THR B 110 18.20 9.51 -13.95
N ALA B 111 18.79 8.45 -13.39
CA ALA B 111 18.65 7.13 -13.98
C ALA B 111 17.22 6.60 -13.87
N LEU B 112 16.49 7.04 -12.84
CA LEU B 112 15.14 6.54 -12.61
C LEU B 112 14.05 7.44 -13.16
N ALA B 113 14.29 8.73 -13.31
CA ALA B 113 13.25 9.69 -13.67
C ALA B 113 13.74 10.54 -14.82
N ASP B 114 12.82 11.31 -15.41
CA ASP B 114 13.09 11.96 -16.69
C ASP B 114 13.39 13.45 -16.59
N ASP B 115 12.89 14.11 -15.56
CA ASP B 115 12.92 15.57 -15.46
C ASP B 115 13.18 16.00 -14.02
N VAL B 116 14.35 15.65 -13.51
CA VAL B 116 14.69 15.90 -12.12
C VAL B 116 15.00 17.38 -11.96
N GLN B 117 14.27 18.04 -11.06
CA GLN B 117 14.43 19.47 -10.81
C GLN B 117 14.38 19.71 -9.31
N THR B 118 15.06 20.76 -8.88
CA THR B 118 15.00 21.16 -7.48
C THR B 118 14.63 22.62 -7.38
N PHE B 119 14.38 23.07 -6.15
CA PHE B 119 14.02 24.45 -5.90
C PHE B 119 14.09 24.68 -4.40
N HIS B 120 14.30 25.93 -4.01
CA HIS B 120 14.17 26.30 -2.60
C HIS B 120 13.59 27.71 -2.51
N ASP B 121 13.27 28.13 -1.27
CA ASP B 121 12.56 29.38 -1.04
C ASP B 121 13.48 30.56 -0.78
N GLY B 122 14.79 30.38 -0.85
CA GLY B 122 15.68 31.52 -0.72
C GLY B 122 15.79 32.08 0.68
N ARG B 123 15.08 31.52 1.66
CA ARG B 123 15.23 32.00 3.02
C ARG B 123 16.56 31.53 3.59
N GLN B 124 17.01 32.17 4.65
CA GLN B 124 18.33 31.86 5.15
C GLN B 124 18.23 30.69 6.12
N PRO B 125 18.86 29.56 5.81
CA PRO B 125 18.47 28.30 6.47
C PRO B 125 18.73 28.28 7.97
N ASP B 126 19.79 28.94 8.41
CA ASP B 126 20.16 28.92 9.82
C ASP B 126 19.26 29.78 10.71
N VAL B 127 18.38 30.58 10.12
CA VAL B 127 17.39 31.37 10.85
C VAL B 127 16.21 30.50 11.28
N ALA B 128 15.38 30.10 10.32
CA ALA B 128 14.24 29.23 10.59
C ALA B 128 14.12 28.14 9.54
N GLY B 129 15.22 27.82 8.86
CA GLY B 129 15.19 26.83 7.82
C GLY B 129 14.70 27.39 6.50
N SER B 130 14.83 26.55 5.47
CA SER B 130 14.52 26.91 4.09
C SER B 130 13.85 25.72 3.44
N VAL B 131 12.66 25.93 2.86
CA VAL B 131 11.98 24.82 2.21
C VAL B 131 12.73 24.48 0.92
N PHE B 132 13.14 23.22 0.80
CA PHE B 132 13.79 22.67 -0.39
C PHE B 132 12.85 21.64 -1.01
N GLY B 133 12.71 21.70 -2.33
CA GLY B 133 11.84 20.80 -3.03
C GLY B 133 12.54 20.08 -4.16
N ILE B 134 12.11 18.83 -4.38
CA ILE B 134 12.57 18.02 -5.49
C ILE B 134 11.34 17.55 -6.26
N THR B 135 11.38 17.70 -7.59
CA THR B 135 10.29 17.19 -8.42
C THR B 135 10.90 16.29 -9.49
N LEU B 136 10.18 15.23 -9.81
CA LEU B 136 10.62 14.34 -10.88
C LEU B 136 9.41 13.76 -11.56
N THR B 137 9.63 13.31 -12.79
CA THR B 137 8.59 12.68 -13.61
C THR B 137 9.06 11.26 -13.91
N ALA B 138 8.33 10.26 -13.43
CA ALA B 138 8.59 8.85 -13.70
C ALA B 138 7.58 8.37 -14.73
N ARG B 139 8.04 8.07 -15.95
CA ARG B 139 7.14 7.67 -17.01
C ARG B 139 7.13 6.16 -17.13
N ARG B 140 5.93 5.59 -17.13
CA ARG B 140 5.72 4.14 -17.17
C ARG B 140 5.87 3.58 -18.58
N GLY C 1 -6.20 -0.46 -11.82
CA GLY C 1 -6.82 0.56 -11.01
C GLY C 1 -6.54 1.97 -11.51
N SER C 2 -6.02 2.13 -12.73
CA SER C 2 -5.84 3.47 -13.27
C SER C 2 -7.18 4.07 -13.70
N MET C 3 -7.20 5.41 -13.83
CA MET C 3 -8.43 6.08 -14.23
C MET C 3 -8.83 5.65 -15.64
N SER C 4 -7.82 5.45 -16.49
CA SER C 4 -7.99 4.87 -17.83
C SER C 4 -8.75 3.54 -17.78
N ALA C 5 -8.33 2.64 -16.91
CA ALA C 5 -8.79 1.25 -16.92
C ALA C 5 -9.24 0.87 -15.52
N PRO C 6 -10.35 1.44 -15.06
CA PRO C 6 -10.77 1.19 -13.67
C PRO C 6 -11.03 -0.28 -13.42
N ASP C 7 -10.82 -0.67 -12.17
CA ASP C 7 -11.16 -2.02 -11.73
C ASP C 7 -12.67 -2.18 -11.61
N SER C 8 -13.16 -3.37 -11.91
N SER C 8 -13.17 -3.36 -11.95
CA SER C 8 -14.56 -3.72 -11.70
CA SER C 8 -14.57 -3.69 -11.70
C SER C 8 -14.60 -5.12 -11.13
C SER C 8 -14.61 -5.09 -11.09
N ILE C 9 -15.81 -5.65 -10.92
CA ILE C 9 -15.93 -7.00 -10.40
C ILE C 9 -16.00 -7.95 -11.59
N THR C 10 -15.73 -9.21 -11.33
CA THR C 10 -15.93 -10.26 -12.30
C THR C 10 -17.16 -11.05 -11.91
N VAL C 11 -18.00 -11.35 -12.90
CA VAL C 11 -19.30 -12.01 -12.70
C VAL C 11 -19.33 -13.25 -13.56
N THR C 12 -19.62 -14.40 -12.94
N THR C 12 -19.65 -14.40 -12.96
CA THR C 12 -19.85 -15.64 -13.65
CA THR C 12 -19.86 -15.62 -13.72
C THR C 12 -21.09 -16.33 -13.06
C THR C 12 -20.99 -16.43 -13.08
N VAL C 13 -21.84 -17.00 -13.92
CA VAL C 13 -22.97 -17.81 -13.49
C VAL C 13 -22.84 -19.17 -14.12
N ALA C 14 -22.95 -20.21 -13.30
CA ALA C 14 -22.92 -21.57 -13.81
C ALA C 14 -24.00 -22.35 -13.10
N ASP C 15 -24.55 -23.34 -13.80
CA ASP C 15 -25.46 -24.29 -13.19
C ASP C 15 -24.69 -25.49 -12.69
N HIS C 16 -24.88 -25.83 -11.42
CA HIS C 16 -24.29 -27.02 -10.82
C HIS C 16 -25.43 -27.99 -10.49
N ASN C 17 -25.84 -28.75 -11.51
CA ASN C 17 -26.78 -29.85 -11.36
C ASN C 17 -28.09 -29.34 -10.77
N GLY C 18 -28.59 -28.23 -11.31
CA GLY C 18 -29.83 -27.61 -10.88
C GLY C 18 -29.66 -26.34 -10.06
N VAL C 19 -28.50 -26.14 -9.43
CA VAL C 19 -28.28 -25.01 -8.54
C VAL C 19 -27.57 -23.91 -9.33
N ALA C 20 -28.15 -22.71 -9.34
CA ALA C 20 -27.49 -21.56 -9.95
C ALA C 20 -26.42 -21.03 -9.00
N VAL C 21 -25.19 -20.97 -9.46
CA VAL C 21 -24.08 -20.44 -8.67
C VAL C 21 -23.59 -19.15 -9.32
N LEU C 22 -23.76 -18.03 -8.62
CA LEU C 22 -23.24 -16.73 -9.02
C LEU C 22 -21.92 -16.50 -8.28
N SER C 23 -20.83 -16.35 -9.02
CA SER C 23 -19.51 -16.14 -8.43
C SER C 23 -19.00 -14.75 -8.76
N ILE C 24 -18.52 -14.04 -7.74
CA ILE C 24 -18.02 -12.68 -7.87
C ILE C 24 -16.54 -12.66 -7.54
N GLY C 25 -15.77 -11.91 -8.31
CA GLY C 25 -14.36 -11.66 -8.02
C GLY C 25 -14.09 -10.16 -7.93
N GLY C 26 -13.10 -9.80 -7.11
CA GLY C 26 -12.75 -8.39 -6.99
C GLY C 26 -13.34 -7.70 -5.76
N GLU C 27 -13.55 -6.39 -5.84
CA GLU C 27 -13.95 -5.59 -4.70
C GLU C 27 -15.39 -5.10 -4.86
N ILE C 28 -16.24 -5.40 -3.86
CA ILE C 28 -17.63 -4.98 -3.84
C ILE C 28 -17.70 -3.71 -3.00
N ASP C 29 -17.95 -2.57 -3.63
CA ASP C 29 -17.99 -1.31 -2.91
C ASP C 29 -19.09 -0.47 -3.53
N LEU C 30 -19.18 0.80 -3.13
CA LEU C 30 -20.28 1.60 -3.62
C LEU C 30 -20.26 1.71 -5.13
N ILE C 31 -19.07 1.62 -5.73
CA ILE C 31 -18.96 1.75 -7.18
C ILE C 31 -19.47 0.50 -7.88
N THR C 32 -19.12 -0.68 -7.37
CA THR C 32 -19.50 -1.91 -8.07
C THR C 32 -20.82 -2.49 -7.58
N ALA C 33 -21.45 -1.88 -6.58
CA ALA C 33 -22.66 -2.44 -5.99
C ALA C 33 -23.75 -2.63 -7.03
N ALA C 34 -23.91 -1.66 -7.96
CA ALA C 34 -24.96 -1.80 -8.96
C ALA C 34 -24.73 -3.04 -9.83
N ALA C 35 -23.46 -3.31 -10.19
CA ALA C 35 -23.15 -4.50 -10.96
C ALA C 35 -23.53 -5.77 -10.21
N LEU C 36 -23.27 -5.80 -8.90
CA LEU C 36 -23.63 -6.98 -8.13
C LEU C 36 -25.14 -7.15 -8.07
N GLU C 37 -25.85 -6.06 -7.85
CA GLU C 37 -27.29 -6.19 -7.70
C GLU C 37 -27.93 -6.54 -9.04
N GLU C 38 -27.39 -6.03 -10.15
CA GLU C 38 -27.86 -6.45 -11.48
C GLU C 38 -27.62 -7.93 -11.71
N ALA C 39 -26.46 -8.46 -11.32
CA ALA C 39 -26.15 -9.86 -11.56
C ALA C 39 -27.11 -10.76 -10.79
N ILE C 40 -27.38 -10.43 -9.53
CA ILE C 40 -28.34 -11.18 -8.74
C ILE C 40 -29.72 -11.13 -9.37
N GLY C 41 -30.16 -9.92 -9.76
CA GLY C 41 -31.49 -9.80 -10.36
C GLY C 41 -31.65 -10.63 -11.62
N GLU C 42 -30.59 -10.74 -12.43
CA GLU C 42 -30.67 -11.55 -13.64
C GLU C 42 -30.84 -13.03 -13.31
N VAL C 43 -30.04 -13.54 -12.37
CA VAL C 43 -30.20 -14.94 -11.98
C VAL C 43 -31.58 -15.17 -11.39
N VAL C 44 -32.01 -14.29 -10.48
CA VAL C 44 -33.34 -14.43 -9.89
C VAL C 44 -34.41 -14.45 -10.98
N ALA C 45 -34.21 -13.63 -12.02
CA ALA C 45 -35.19 -13.55 -13.11
C ALA C 45 -35.31 -14.84 -13.90
N ASP C 46 -34.29 -15.69 -13.88
CA ASP C 46 -34.34 -17.00 -14.52
C ASP C 46 -35.03 -18.05 -13.66
N ASN C 47 -35.51 -17.67 -12.48
CA ASN C 47 -36.37 -18.48 -11.62
C ASN C 47 -35.67 -19.75 -11.14
N PRO C 48 -34.57 -19.63 -10.41
CA PRO C 48 -33.87 -20.82 -9.92
C PRO C 48 -34.63 -21.49 -8.78
N THR C 49 -34.40 -22.80 -8.64
CA THR C 49 -34.84 -23.47 -7.42
C THR C 49 -33.88 -23.20 -6.26
N ALA C 50 -32.60 -23.01 -6.55
CA ALA C 50 -31.64 -22.71 -5.50
C ALA C 50 -30.56 -21.77 -6.04
N LEU C 51 -30.09 -20.87 -5.19
CA LEU C 51 -29.10 -19.88 -5.58
C LEU C 51 -27.97 -19.87 -4.56
N VAL C 52 -26.73 -20.05 -5.03
CA VAL C 52 -25.56 -19.86 -4.20
C VAL C 52 -24.77 -18.69 -4.77
N ILE C 53 -24.50 -17.70 -3.93
CA ILE C 53 -23.57 -16.62 -4.27
C ILE C 53 -22.22 -16.98 -3.66
N ASP C 54 -21.22 -17.16 -4.51
CA ASP C 54 -19.88 -17.60 -4.09
C ASP C 54 -18.97 -16.39 -4.02
N LEU C 55 -18.58 -16.03 -2.78
CA LEU C 55 -17.71 -14.89 -2.52
C LEU C 55 -16.26 -15.31 -2.28
N SER C 56 -15.89 -16.49 -2.76
CA SER C 56 -14.54 -17.01 -2.56
C SER C 56 -13.50 -16.05 -3.09
N ALA C 57 -13.76 -15.42 -4.24
CA ALA C 57 -12.76 -14.60 -4.91
C ALA C 57 -12.94 -13.12 -4.64
N VAL C 58 -13.71 -12.79 -3.62
CA VAL C 58 -14.01 -11.39 -3.31
C VAL C 58 -12.90 -10.85 -2.44
N GLU C 59 -12.32 -9.74 -2.86
CA GLU C 59 -11.13 -9.13 -2.29
C GLU C 59 -11.49 -8.07 -1.27
N PHE C 60 -12.69 -7.52 -1.36
CA PHE C 60 -13.23 -6.57 -0.41
C PHE C 60 -14.74 -6.64 -0.48
N LEU C 61 -15.38 -6.65 0.69
CA LEU C 61 -16.85 -6.69 0.78
C LEU C 61 -17.31 -5.49 1.61
N GLY C 62 -17.74 -4.43 0.95
CA GLY C 62 -18.16 -3.24 1.67
C GLY C 62 -19.53 -3.42 2.31
N SER C 63 -19.93 -2.39 3.07
CA SER C 63 -21.21 -2.48 3.76
C SER C 63 -22.36 -2.61 2.76
N VAL C 64 -22.23 -1.94 1.61
CA VAL C 64 -23.28 -2.03 0.59
C VAL C 64 -23.47 -3.47 0.12
N GLY C 65 -22.38 -4.25 0.07
CA GLY C 65 -22.51 -5.65 -0.30
C GLY C 65 -23.22 -6.46 0.77
N LEU C 66 -22.97 -6.14 2.04
CA LEU C 66 -23.73 -6.74 3.12
C LEU C 66 -25.22 -6.46 2.97
N LYS C 67 -25.58 -5.20 2.71
CA LYS C 67 -26.98 -4.84 2.51
C LYS C 67 -27.60 -5.66 1.38
N ILE C 68 -26.87 -5.80 0.26
CA ILE C 68 -27.42 -6.47 -0.91
C ILE C 68 -27.63 -7.95 -0.64
N LEU C 69 -26.72 -8.58 0.13
CA LEU C 69 -26.91 -9.99 0.50
C LEU C 69 -28.14 -10.17 1.37
N ALA C 70 -28.30 -9.36 2.41
CA ALA C 70 -29.47 -9.50 3.26
C ALA C 70 -30.76 -9.20 2.49
N ALA C 71 -30.73 -8.19 1.61
CA ALA C 71 -31.92 -7.85 0.82
C ALA C 71 -32.26 -8.98 -0.14
N THR C 72 -31.24 -9.62 -0.72
CA THR C 72 -31.51 -10.76 -1.57
C THR C 72 -32.20 -11.87 -0.80
N SER C 73 -31.65 -12.21 0.38
CA SER C 73 -32.26 -13.23 1.22
C SER C 73 -33.70 -12.89 1.51
N GLU C 74 -34.00 -11.61 1.72
CA GLU C 74 -35.36 -11.22 2.03
C GLU C 74 -36.27 -11.32 0.81
N LYS C 75 -35.73 -11.13 -0.39
CA LYS C 75 -36.59 -11.01 -1.56
C LYS C 75 -36.72 -12.30 -2.35
N ILE C 76 -35.90 -13.31 -2.07
CA ILE C 76 -36.12 -14.65 -2.62
C ILE C 76 -36.45 -15.65 -1.52
N GLY C 77 -35.92 -15.46 -0.31
CA GLY C 77 -35.61 -16.57 0.58
C GLY C 77 -36.73 -17.56 0.76
N GLN C 78 -37.97 -17.09 0.75
CA GLN C 78 -39.13 -17.96 0.86
C GLN C 78 -39.26 -18.90 -0.34
N SER C 79 -39.09 -18.37 -1.54
CA SER C 79 -39.29 -19.15 -2.74
C SER C 79 -38.05 -19.89 -3.25
N VAL C 80 -36.86 -19.64 -2.67
CA VAL C 80 -35.62 -20.17 -3.24
C VAL C 80 -34.65 -20.55 -2.12
N LYS C 81 -34.10 -21.76 -2.20
CA LYS C 81 -32.95 -22.21 -1.41
C LYS C 81 -31.77 -21.28 -1.61
N PHE C 82 -31.35 -20.57 -0.57
CA PHE C 82 -30.32 -19.55 -0.72
C PHE C 82 -29.13 -19.87 0.17
N GLY C 83 -27.94 -19.70 -0.38
CA GLY C 83 -26.72 -19.94 0.38
C GLY C 83 -25.60 -19.06 -0.12
N VAL C 84 -24.65 -18.76 0.77
CA VAL C 84 -23.53 -17.89 0.47
C VAL C 84 -22.24 -18.62 0.82
N VAL C 85 -21.28 -18.62 -0.10
CA VAL C 85 -19.94 -19.13 0.17
C VAL C 85 -19.07 -17.96 0.59
N ALA C 86 -18.56 -18.02 1.82
CA ALA C 86 -17.70 -16.98 2.34
C ALA C 86 -16.74 -17.62 3.33
N ARG C 87 -15.46 -17.25 3.24
CA ARG C 87 -14.51 -17.69 4.22
C ARG C 87 -13.49 -16.58 4.42
N GLY C 88 -12.90 -16.54 5.62
CA GLY C 88 -11.81 -15.62 5.89
C GLY C 88 -12.25 -14.28 6.45
N SER C 89 -11.27 -13.38 6.46
CA SER C 89 -11.36 -12.12 7.19
C SER C 89 -12.15 -11.08 6.43
N VAL C 90 -12.21 -11.21 5.11
CA VAL C 90 -12.78 -10.17 4.26
C VAL C 90 -14.26 -10.35 4.11
N THR C 91 -14.69 -11.61 3.98
CA THR C 91 -16.07 -11.93 3.68
C THR C 91 -16.80 -12.55 4.87
N ARG C 92 -16.38 -13.69 5.50
CA ARG C 92 -17.47 -14.26 6.27
C ARG C 92 -17.45 -13.42 7.54
N ARG C 93 -16.24 -12.94 7.92
CA ARG C 93 -16.09 -12.26 9.20
C ARG C 93 -17.03 -11.08 9.35
N PRO C 94 -17.08 -10.13 8.41
CA PRO C 94 -18.04 -9.01 8.56
C PRO C 94 -19.47 -9.48 8.52
N ILE C 95 -19.76 -10.51 7.71
CA ILE C 95 -21.10 -11.11 7.71
C ILE C 95 -21.41 -11.62 9.11
N HIS C 96 -20.43 -12.33 9.72
CA HIS C 96 -20.61 -12.81 11.09
C HIS C 96 -20.73 -11.66 12.08
N LEU C 97 -19.85 -10.66 11.97
CA LEU C 97 -19.86 -9.59 12.96
C LEU C 97 -21.17 -8.82 12.92
N MET C 98 -21.80 -8.74 11.76
CA MET C 98 -23.05 -8.01 11.62
C MET C 98 -24.26 -8.89 11.92
N GLY C 99 -24.03 -10.17 12.24
CA GLY C 99 -25.13 -11.06 12.54
C GLY C 99 -25.89 -11.56 11.34
N LEU C 100 -25.38 -11.37 10.13
CA LEU C 100 -26.12 -11.78 8.95
C LEU C 100 -26.04 -13.27 8.68
N ASP C 101 -25.11 -13.99 9.31
CA ASP C 101 -25.12 -15.44 9.16
C ASP C 101 -26.30 -16.08 9.90
N LYS C 102 -27.08 -15.29 10.64
CA LYS C 102 -28.36 -15.77 11.11
C LYS C 102 -29.46 -15.53 10.10
N THR C 103 -29.21 -14.68 9.10
CA THR C 103 -30.19 -14.31 8.08
C THR C 103 -30.16 -15.21 6.86
N PHE C 104 -28.99 -15.64 6.41
CA PHE C 104 -28.90 -16.58 5.31
C PHE C 104 -27.84 -17.61 5.65
N ARG C 105 -27.89 -18.73 4.94
CA ARG C 105 -27.01 -19.86 5.21
C ARG C 105 -25.61 -19.58 4.68
N LEU C 106 -24.61 -19.72 5.54
CA LEU C 106 -23.21 -19.61 5.15
C LEU C 106 -22.54 -20.98 5.02
N PHE C 107 -21.60 -21.04 4.07
CA PHE C 107 -20.79 -22.23 3.83
C PHE C 107 -19.35 -21.81 3.54
N SER C 108 -18.41 -22.66 3.94
CA SER C 108 -16.99 -22.39 3.78
C SER C 108 -16.54 -22.58 2.34
N THR C 109 -17.09 -23.56 1.65
CA THR C 109 -16.70 -23.89 0.29
C THR C 109 -17.94 -24.08 -0.57
N LEU C 110 -17.74 -23.99 -1.88
CA LEU C 110 -18.85 -24.25 -2.81
C LEU C 110 -19.35 -25.67 -2.64
N HIS C 111 -18.43 -26.62 -2.45
CA HIS C 111 -18.83 -28.01 -2.25
C HIS C 111 -19.81 -28.13 -1.10
N ASP C 112 -19.53 -27.46 0.02
CA ASP C 112 -20.45 -27.52 1.16
C ASP C 112 -21.78 -26.84 0.83
N ALA C 113 -21.72 -25.69 0.17
CA ALA C 113 -22.95 -24.98 -0.17
C ALA C 113 -23.85 -25.84 -1.05
N LEU C 114 -23.26 -26.58 -2.00
CA LEU C 114 -24.08 -27.33 -2.95
C LEU C 114 -24.86 -28.44 -2.26
N THR C 115 -24.21 -29.18 -1.37
CA THR C 115 -24.93 -30.18 -0.59
C THR C 115 -25.93 -29.52 0.34
N GLY C 116 -25.65 -28.29 0.78
CA GLY C 116 -26.46 -27.59 1.75
C GLY C 116 -27.76 -27.05 1.21
N VAL C 117 -27.75 -26.54 -0.03
CA VAL C 117 -28.99 -26.08 -0.65
C VAL C 117 -29.81 -27.21 -1.22
N ARG C 118 -29.40 -28.46 -1.01
CA ARG C 118 -30.20 -29.61 -1.46
C ARG C 118 -30.76 -30.40 -0.30
N GLN D 12 -1.76 13.85 21.23
CA GLN D 12 -1.84 14.08 19.78
C GLN D 12 -0.91 13.16 18.99
N ARG D 13 -0.64 13.55 17.75
CA ARG D 13 -0.06 12.62 16.78
C ARG D 13 1.39 12.33 17.06
N GLY D 14 1.73 11.03 17.11
CA GLY D 14 3.09 10.61 17.31
C GLY D 14 3.96 10.80 16.08
N VAL D 15 5.25 10.51 16.26
CA VAL D 15 6.23 10.78 15.21
C VAL D 15 5.97 9.92 13.99
N ARG D 16 5.36 8.75 14.16
CA ARG D 16 5.10 7.83 13.06
C ARG D 16 3.70 7.96 12.47
N ALA D 17 2.97 9.02 12.82
CA ALA D 17 1.68 9.26 12.18
C ALA D 17 1.87 9.64 10.72
N VAL D 18 0.85 9.38 9.91
CA VAL D 18 0.86 9.77 8.51
C VAL D 18 -0.46 10.47 8.21
N GLU D 19 -0.39 11.59 7.50
CA GLU D 19 -1.57 12.27 7.00
C GLU D 19 -1.62 12.07 5.49
N LEU D 20 -2.73 11.53 5.01
CA LEU D 20 -2.96 11.36 3.58
C LEU D 20 -4.06 12.32 3.14
N ASN D 21 -3.87 12.96 2.00
CA ASN D 21 -4.90 13.84 1.44
C ASN D 21 -5.12 13.49 -0.02
N VAL D 22 -6.38 13.22 -0.38
CA VAL D 22 -6.79 12.96 -1.76
C VAL D 22 -8.09 13.72 -2.03
N ALA D 23 -8.36 13.97 -3.30
CA ALA D 23 -9.63 14.58 -3.65
C ALA D 23 -10.76 13.71 -3.12
N ALA D 24 -11.75 14.35 -2.48
CA ALA D 24 -12.89 13.60 -1.89
C ALA D 24 -13.81 13.13 -3.00
N ARG D 25 -13.46 12.03 -3.63
CA ARG D 25 -14.38 11.55 -4.65
C ARG D 25 -14.40 10.06 -4.83
N LEU D 26 -15.51 9.61 -5.43
CA LEU D 26 -15.79 8.18 -5.58
C LEU D 26 -14.64 7.47 -6.28
N GLU D 27 -14.00 8.12 -7.26
CA GLU D 27 -12.89 7.52 -8.00
C GLU D 27 -11.69 7.20 -7.12
N ASN D 28 -11.60 7.80 -5.94
CA ASN D 28 -10.47 7.56 -5.05
C ASN D 28 -10.82 6.60 -3.93
N LEU D 29 -12.02 6.05 -3.97
CA LEU D 29 -12.51 5.29 -2.82
C LEU D 29 -11.67 4.02 -2.67
N ALA D 30 -11.43 3.36 -3.79
CA ALA D 30 -10.64 2.13 -3.81
C ALA D 30 -9.16 2.39 -3.54
N LEU D 31 -8.65 3.55 -4.01
CA LEU D 31 -7.28 3.93 -3.69
C LEU D 31 -7.08 4.04 -2.19
N LEU D 32 -8.01 4.71 -1.51
CA LEU D 32 -7.92 4.85 -0.06
C LEU D 32 -7.88 3.48 0.60
N ARG D 33 -8.74 2.56 0.17
CA ARG D 33 -8.77 1.23 0.76
C ARG D 33 -7.43 0.53 0.64
N THR D 34 -6.80 0.68 -0.53
CA THR D 34 -5.52 0.03 -0.74
C THR D 34 -4.46 0.62 0.19
N LEU D 35 -4.47 1.94 0.37
CA LEU D 35 -3.52 2.58 1.29
C LEU D 35 -3.77 2.18 2.73
N VAL D 36 -5.04 2.14 3.14
CA VAL D 36 -5.38 1.73 4.51
C VAL D 36 -4.92 0.29 4.76
N GLY D 37 -5.16 -0.61 3.81
CA GLY D 37 -4.71 -1.98 3.96
C GLY D 37 -3.19 -2.07 4.04
N ALA D 38 -2.49 -1.25 3.24
CA ALA D 38 -1.03 -1.22 3.32
C ALA D 38 -0.56 -0.79 4.71
N ILE D 39 -1.22 0.22 5.28
CA ILE D 39 -0.81 0.69 6.60
C ILE D 39 -1.08 -0.38 7.66
N GLY D 40 -2.25 -1.02 7.59
CA GLY D 40 -2.61 -2.02 8.59
C GLY D 40 -1.68 -3.22 8.54
N THR D 41 -1.32 -3.64 7.34
CA THR D 41 -0.31 -4.69 7.21
C THR D 41 1.05 -4.21 7.72
N PHE D 42 1.43 -2.98 7.37
CA PHE D 42 2.71 -2.45 7.84
C PHE D 42 2.73 -2.37 9.36
N GLU D 43 1.59 -2.14 9.99
CA GLU D 43 1.51 -2.04 11.44
C GLU D 43 1.39 -3.41 12.12
N ASP D 44 1.60 -4.50 11.40
CA ASP D 44 1.54 -5.85 11.97
C ASP D 44 0.18 -6.18 12.59
N LEU D 45 -0.89 -5.55 12.13
CA LEU D 45 -2.23 -6.03 12.47
C LEU D 45 -2.46 -7.41 11.86
N ASP D 46 -3.19 -8.27 12.56
CA ASP D 46 -3.43 -9.58 11.96
C ASP D 46 -4.51 -9.48 10.86
N PHE D 47 -4.75 -10.62 10.19
CA PHE D 47 -5.58 -10.59 8.99
C PHE D 47 -6.99 -10.10 9.31
N ASP D 48 -7.54 -10.50 10.45
CA ASP D 48 -8.87 -10.03 10.82
C ASP D 48 -8.86 -8.53 11.07
N ALA D 49 -7.81 -8.05 11.75
CA ALA D 49 -7.72 -6.63 12.09
C ALA D 49 -7.49 -5.78 10.85
N VAL D 50 -6.71 -6.27 9.89
CA VAL D 50 -6.53 -5.50 8.64
C VAL D 50 -7.85 -5.38 7.89
N ALA D 51 -8.61 -6.47 7.82
CA ALA D 51 -9.89 -6.42 7.12
C ALA D 51 -10.87 -5.54 7.89
N ASP D 52 -10.87 -5.62 9.22
CA ASP D 52 -11.75 -4.77 10.04
C ASP D 52 -11.44 -3.29 9.77
N LEU D 53 -10.16 -2.95 9.73
CA LEU D 53 -9.73 -1.58 9.49
C LEU D 53 -10.12 -1.10 8.09
N ARG D 54 -9.86 -1.92 7.07
CA ARG D 54 -10.25 -1.56 5.72
C ARG D 54 -11.74 -1.28 5.62
N LEU D 55 -12.56 -2.15 6.20
CA LEU D 55 -14.01 -1.99 6.08
C LEU D 55 -14.48 -0.75 6.84
N ALA D 56 -14.02 -0.60 8.07
CA ALA D 56 -14.43 0.55 8.86
C ALA D 56 -14.00 1.86 8.21
N VAL D 57 -12.77 1.93 7.69
CA VAL D 57 -12.34 3.20 7.09
C VAL D 57 -13.01 3.40 5.73
N ASP D 58 -13.25 2.32 4.98
CA ASP D 58 -14.02 2.45 3.75
C ASP D 58 -15.40 3.00 4.04
N GLU D 59 -16.03 2.55 5.12
CA GLU D 59 -17.35 3.06 5.47
C GLU D 59 -17.30 4.56 5.73
N VAL D 60 -16.34 5.04 6.53
CA VAL D 60 -16.32 6.47 6.82
C VAL D 60 -15.96 7.27 5.59
N CYS D 61 -15.06 6.76 4.74
CA CYS D 61 -14.69 7.49 3.54
C CYS D 61 -15.84 7.54 2.53
N THR D 62 -16.58 6.44 2.40
CA THR D 62 -17.77 6.45 1.55
C THR D 62 -18.75 7.52 2.00
N ARG D 63 -19.04 7.56 3.31
CA ARG D 63 -20.03 8.53 3.81
C ARG D 63 -19.52 9.96 3.58
N LEU D 64 -18.25 10.21 3.90
CA LEU D 64 -17.69 11.54 3.69
C LEU D 64 -17.77 11.92 2.22
N ILE D 65 -17.30 11.04 1.35
CA ILE D 65 -17.24 11.41 -0.04
C ILE D 65 -18.64 11.61 -0.55
N ARG D 66 -19.61 10.94 0.05
CA ARG D 66 -20.75 10.94 -0.80
C ARG D 66 -21.49 12.27 -0.47
N SER D 67 -21.13 12.91 0.67
CA SER D 67 -21.60 14.26 1.07
C SER D 67 -20.56 15.38 0.84
N ALA D 68 -19.38 15.09 0.30
CA ALA D 68 -18.32 16.08 0.22
C ALA D 68 -18.68 17.17 -0.79
N LEU D 69 -18.21 18.40 -0.52
CA LEU D 69 -18.35 19.47 -1.51
C LEU D 69 -17.57 19.09 -2.77
N PRO D 70 -17.93 19.68 -3.92
CA PRO D 70 -17.30 19.29 -5.20
C PRO D 70 -15.79 19.34 -5.23
N ASP D 71 -15.17 20.32 -4.58
CA ASP D 71 -13.72 20.40 -4.68
C ASP D 71 -13.05 20.13 -3.34
N ALA D 72 -13.68 19.28 -2.53
CA ALA D 72 -13.21 18.99 -1.20
C ALA D 72 -12.07 17.98 -1.21
N THR D 73 -11.20 18.09 -0.22
CA THR D 73 -10.14 17.14 0.05
C THR D 73 -10.55 16.21 1.16
N LEU D 74 -10.37 14.91 0.97
CA LEU D 74 -10.56 13.95 2.05
C LEU D 74 -9.23 13.80 2.76
N ARG D 75 -9.20 14.12 4.05
CA ARG D 75 -7.98 13.98 4.84
C ARG D 75 -8.08 12.74 5.70
N LEU D 76 -7.03 11.93 5.68
CA LEU D 76 -7.01 10.69 6.47
C LEU D 76 -5.74 10.71 7.31
N VAL D 77 -5.88 10.66 8.63
CA VAL D 77 -4.72 10.67 9.52
C VAL D 77 -4.70 9.32 10.23
N VAL D 78 -3.60 8.59 10.08
CA VAL D 78 -3.42 7.30 10.74
C VAL D 78 -2.32 7.46 11.76
N ASP D 79 -2.65 7.22 13.03
CA ASP D 79 -1.72 7.47 14.13
C ASP D 79 -1.47 6.16 14.86
N PRO D 80 -0.35 5.48 14.61
CA PRO D 80 -0.08 4.19 15.26
C PRO D 80 0.50 4.39 16.64
N ARG D 81 -0.21 3.93 17.67
CA ARG D 81 0.23 4.19 19.02
C ARG D 81 0.62 2.82 19.58
N LYS D 82 1.05 2.75 20.84
CA LYS D 82 1.55 1.47 21.33
C LYS D 82 0.51 0.38 21.22
N ASP D 83 -0.68 0.62 21.73
CA ASP D 83 -1.66 -0.44 21.83
C ASP D 83 -2.79 -0.33 20.80
N GLU D 84 -2.76 0.67 19.93
CA GLU D 84 -3.92 0.81 19.09
C GLU D 84 -3.55 1.68 17.96
N VAL D 85 -4.33 1.62 16.90
CA VAL D 85 -4.13 2.48 15.76
C VAL D 85 -5.35 3.38 15.66
N VAL D 86 -5.11 4.69 15.70
CA VAL D 86 -6.22 5.65 15.70
C VAL D 86 -6.30 6.28 14.31
N VAL D 87 -7.52 6.33 13.76
CA VAL D 87 -7.75 6.87 12.43
C VAL D 87 -8.75 8.02 12.53
N GLU D 88 -8.48 9.09 11.79
CA GLU D 88 -9.37 10.23 11.68
C GLU D 88 -9.52 10.61 10.23
N ALA D 89 -10.75 10.66 9.75
CA ALA D 89 -11.07 11.00 8.37
C ALA D 89 -11.98 12.21 8.37
N SER D 90 -11.75 13.16 7.48
CA SER D 90 -12.60 14.34 7.48
C SER D 90 -12.64 14.96 6.09
N ALA D 91 -13.70 15.73 5.84
CA ALA D 91 -13.87 16.40 4.57
C ALA D 91 -14.87 17.52 4.74
N ALA D 92 -14.74 18.57 3.93
CA ALA D 92 -15.77 19.60 3.88
C ALA D 92 -17.02 19.02 3.23
N CYS D 93 -18.15 19.05 3.95
CA CYS D 93 -19.38 18.37 3.56
C CYS D 93 -20.55 19.36 3.53
N ASP D 94 -21.60 18.96 2.81
CA ASP D 94 -22.78 19.79 2.61
C ASP D 94 -23.89 19.52 3.64
N THR D 95 -23.57 18.84 4.74
CA THR D 95 -24.59 18.51 5.74
C THR D 95 -23.84 18.13 7.01
N HIS D 96 -24.56 18.21 8.13
CA HIS D 96 -24.10 17.60 9.37
C HIS D 96 -24.57 16.17 9.56
N ASP D 97 -25.46 15.66 8.69
CA ASP D 97 -25.96 14.28 8.83
C ASP D 97 -25.25 13.33 7.88
N VAL D 98 -23.91 13.33 7.99
CA VAL D 98 -23.10 12.48 7.12
C VAL D 98 -23.23 11.01 7.51
N VAL D 99 -23.34 10.75 8.82
CA VAL D 99 -23.50 9.40 9.37
C VAL D 99 -24.62 9.53 10.39
N ALA D 100 -25.86 9.43 9.94
CA ALA D 100 -26.99 9.63 10.83
C ALA D 100 -27.07 8.53 11.88
N PRO D 101 -27.32 8.88 13.15
CA PRO D 101 -27.51 7.86 14.18
C PRO D 101 -28.60 6.89 13.75
N GLY D 102 -28.45 5.63 14.15
CA GLY D 102 -29.40 4.60 13.79
C GLY D 102 -29.17 3.94 12.45
N SER D 103 -28.32 4.51 11.61
CA SER D 103 -28.13 3.98 10.27
C SER D 103 -27.28 2.72 10.30
N PHE D 104 -27.36 1.95 9.21
CA PHE D 104 -26.54 0.75 9.10
C PHE D 104 -25.06 1.07 9.27
N SER D 105 -24.66 2.24 8.77
N SER D 105 -24.63 2.24 8.77
CA SER D 105 -23.28 2.69 8.91
CA SER D 105 -23.24 2.65 8.92
C SER D 105 -22.83 2.70 10.36
C SER D 105 -22.83 2.66 10.39
N TRP D 106 -23.67 3.22 11.25
CA TRP D 106 -23.31 3.24 12.67
C TRP D 106 -23.14 1.82 13.19
N HIS D 107 -24.00 0.90 12.74
CA HIS D 107 -23.89 -0.49 13.16
C HIS D 107 -22.58 -1.11 12.68
N VAL D 108 -22.23 -0.87 11.41
CA VAL D 108 -20.98 -1.38 10.87
C VAL D 108 -19.80 -0.82 11.67
N LEU D 109 -19.81 0.49 11.92
CA LEU D 109 -18.64 1.13 12.52
C LEU D 109 -18.39 0.61 13.93
N THR D 110 -19.45 0.49 14.74
CA THR D 110 -19.29 0.04 16.12
C THR D 110 -18.95 -1.45 16.21
N ALA D 111 -19.35 -2.22 15.20
CA ALA D 111 -18.97 -3.62 15.15
C ALA D 111 -17.48 -3.80 14.84
N LEU D 112 -16.91 -2.91 14.02
CA LEU D 112 -15.57 -3.11 13.53
C LEU D 112 -14.50 -2.27 14.22
N ALA D 113 -14.88 -1.20 14.93
CA ALA D 113 -13.87 -0.33 15.51
C ALA D 113 -14.34 0.11 16.89
N ASP D 114 -13.42 0.74 17.62
CA ASP D 114 -13.67 1.19 18.98
C ASP D 114 -13.72 2.72 19.05
N ASP D 115 -14.49 3.22 20.02
CA ASP D 115 -14.59 4.64 20.29
C ASP D 115 -14.88 5.44 19.03
N VAL D 116 -15.77 4.93 18.18
CA VAL D 116 -16.06 5.66 16.94
C VAL D 116 -16.89 6.89 17.28
N GLN D 117 -16.46 8.05 16.80
CA GLN D 117 -17.18 9.29 17.05
C GLN D 117 -17.18 10.17 15.82
N THR D 118 -18.30 10.81 15.55
CA THR D 118 -18.33 11.84 14.52
C THR D 118 -18.32 13.21 15.18
N PHE D 119 -17.96 14.22 14.40
CA PHE D 119 -17.92 15.60 14.87
C PHE D 119 -17.88 16.51 13.65
N HIS D 120 -18.13 17.79 13.87
CA HIS D 120 -18.06 18.73 12.75
C HIS D 120 -17.78 20.11 13.32
N ASP D 121 -17.48 21.05 12.43
CA ASP D 121 -17.04 22.37 12.89
C ASP D 121 -18.19 23.31 13.19
N GLY D 122 -19.44 22.88 13.06
CA GLY D 122 -20.55 23.72 13.45
C GLY D 122 -20.94 24.82 12.49
N ARG D 123 -20.18 25.01 11.39
CA ARG D 123 -20.54 26.01 10.40
C ARG D 123 -21.77 25.55 9.63
N GLN D 124 -22.53 26.50 9.10
CA GLN D 124 -23.72 26.13 8.34
C GLN D 124 -23.31 25.51 7.01
N PRO D 125 -23.68 24.26 6.74
CA PRO D 125 -23.05 23.55 5.62
C PRO D 125 -23.30 24.20 4.27
N ASP D 126 -24.44 24.87 4.08
CA ASP D 126 -24.78 25.42 2.76
C ASP D 126 -23.87 26.58 2.34
N VAL D 127 -23.29 27.30 3.30
CA VAL D 127 -22.54 28.50 2.94
C VAL D 127 -21.22 28.13 2.27
N ALA D 128 -20.32 27.50 3.00
CA ALA D 128 -19.02 27.09 2.45
C ALA D 128 -18.68 25.69 2.90
N GLY D 129 -19.70 24.88 3.15
CA GLY D 129 -19.48 23.55 3.66
C GLY D 129 -19.12 23.56 5.12
N SER D 130 -19.12 22.38 5.72
CA SER D 130 -18.77 22.23 7.13
C SER D 130 -17.91 21.00 7.24
N VAL D 131 -16.72 21.16 7.82
CA VAL D 131 -15.81 20.02 7.91
C VAL D 131 -16.38 19.00 8.87
N PHE D 132 -16.59 17.78 8.36
CA PHE D 132 -17.12 16.66 9.12
C PHE D 132 -16.02 15.64 9.31
N GLY D 133 -15.88 15.12 10.54
CA GLY D 133 -14.82 14.20 10.84
C GLY D 133 -15.35 12.97 11.57
N ILE D 134 -14.63 11.87 11.43
CA ILE D 134 -14.90 10.62 12.13
C ILE D 134 -13.59 10.07 12.66
N THR D 135 -13.55 9.75 13.95
CA THR D 135 -12.40 9.08 14.52
C THR D 135 -12.80 7.67 14.96
N LEU D 136 -11.83 6.77 14.86
CA LEU D 136 -12.03 5.39 15.28
C LEU D 136 -10.69 4.79 15.68
N THR D 137 -10.78 3.73 16.47
CA THR D 137 -9.61 3.12 17.08
C THR D 137 -9.60 1.64 16.78
N ALA D 138 -8.50 1.15 16.22
CA ALA D 138 -8.21 -0.27 16.10
C ALA D 138 -7.25 -0.72 17.18
N ARG D 139 -7.76 -1.54 18.08
CA ARG D 139 -6.97 -2.15 19.15
C ARG D 139 -6.02 -3.18 18.55
N ARG D 140 -4.78 -3.16 19.04
CA ARG D 140 -3.74 -4.08 18.59
C ARG D 140 -3.91 -5.48 19.15
N ALA D 141 -4.69 -5.65 20.21
CA ALA D 141 -4.88 -6.98 20.75
C ALA D 141 -5.95 -6.96 21.82
#